data_5BNG
#
_entry.id   5BNG
#
_cell.length_a   45.900
_cell.length_b   59.940
_cell.length_c   107.940
_cell.angle_alpha   90.000
_cell.angle_beta   90.000
_cell.angle_gamma   90.000
#
_symmetry.space_group_name_H-M   'P 21 21 21'
#
loop_
_entity.id
_entity.type
_entity.pdbx_description
1 polymer 'Homeobox protein Meis2'
2 polymer "DNA (5'-D(P*TP*TP*AP*GP*CP*TP*GP*TP*CP*A)-3')"
3 polymer "DNA (5'-D(P*TP*GP*AP*CP*AP*GP*CP*TP*AP*A-3')"
4 polymer "DNA (5'-D(P*AP*AP*TP*TP*AP*GP*CP*TP*GP*TP*CP*A)-3')"
5 polymer "DNA (5'-D(P*TP*GP*AP*CP*AP*GP*CP*TP*AP*A)-3')"
6 water water
#
loop_
_entity_poly.entity_id
_entity_poly.type
_entity_poly.pdbx_seq_one_letter_code
_entity_poly.pdbx_strand_id
1 'polypeptide(L)' FPKVATNIMRAWLFQHLTHPYPSEEQKKQLAQDTGLTILQVNNWFINARRRIVQPMIDQS B,A
2 'polydeoxyribonucleotide' (DT)(DT)(DA)(DG)(DC)(DT)(DG)(DT)(DC)(DA) L
3 'polydeoxyribonucleotide' (DT)(DG)(DA)(DC)(DA)(DG)(DC)(DT)(DA)(DA)(DC)(DG) M
4 'polydeoxyribonucleotide' (DG)(DA)(DT)(DT)(DA)(DG)(DC)(DT)(DG)(DT)(DC)(DA) C
5 'polydeoxyribonucleotide' (DT)(DG)(DA)(DC)(DA)(DG)(DC)(DT)(DA)(DA) D
#
# COMPACT_ATOMS: atom_id res chain seq x y z
N PHE A 1 4.08 21.53 -17.20
CA PHE A 1 3.45 22.84 -17.23
C PHE A 1 2.40 22.98 -18.34
N PRO A 2 2.68 22.42 -19.54
CA PRO A 2 1.67 22.48 -20.60
C PRO A 2 0.32 21.90 -20.16
N LYS A 3 -0.76 22.61 -20.47
CA LYS A 3 -2.09 22.22 -20.03
C LYS A 3 -2.47 20.87 -20.63
N VAL A 4 -1.99 20.61 -21.85
CA VAL A 4 -2.20 19.32 -22.49
C VAL A 4 -1.39 18.22 -21.82
N ALA A 5 -0.17 18.55 -21.43
CA ALA A 5 0.74 17.59 -20.82
C ALA A 5 0.14 17.02 -19.54
N THR A 6 -0.64 17.84 -18.84
CA THR A 6 -1.26 17.39 -17.60
C THR A 6 -2.34 16.35 -17.87
N ASN A 7 -3.19 16.62 -18.86
CA ASN A 7 -4.30 15.74 -19.20
C ASN A 7 -3.86 14.32 -19.55
N ILE A 8 -2.84 14.21 -20.39
CA ILE A 8 -2.36 12.91 -20.85
C ILE A 8 -1.74 12.13 -19.70
N MET A 9 -1.14 12.84 -18.75
CA MET A 9 -0.52 12.20 -17.59
C MET A 9 -1.58 11.84 -16.55
N ARG A 10 -2.66 12.62 -16.49
CA ARG A 10 -3.73 12.37 -15.53
C ARG A 10 -4.50 11.10 -15.87
N ALA A 11 -4.69 10.86 -17.17
CA ALA A 11 -5.48 9.72 -17.63
C ALA A 11 -4.85 8.39 -17.21
N TRP A 12 -3.61 8.18 -17.63
CA TRP A 12 -2.89 6.94 -17.33
C TRP A 12 -2.86 6.67 -15.83
N LEU A 13 -2.75 7.74 -15.05
CA LEU A 13 -2.73 7.62 -13.59
C LEU A 13 -4.01 6.99 -13.08
N PHE A 14 -5.14 7.64 -13.36
CA PHE A 14 -6.44 7.15 -12.89
C PHE A 14 -6.85 5.87 -13.63
N GLN A 15 -6.21 5.61 -14.75
CA GLN A 15 -6.41 4.35 -15.46
C GLN A 15 -5.59 3.24 -14.83
N HIS A 16 -4.71 3.61 -13.90
CA HIS A 16 -3.86 2.63 -13.21
C HIS A 16 -3.64 3.05 -11.75
N LEU A 17 -4.72 3.25 -11.01
CA LEU A 17 -4.63 3.66 -9.61
C LEU A 17 -4.05 2.55 -8.73
N THR A 18 -4.16 1.32 -9.20
CA THR A 18 -3.64 0.17 -8.45
C THR A 18 -2.19 -0.12 -8.82
N HIS A 19 -1.82 0.20 -10.06
CA HIS A 19 -0.44 0.06 -10.52
C HIS A 19 0.02 1.36 -11.19
N PRO A 20 0.21 2.41 -10.39
CA PRO A 20 0.62 3.73 -10.92
C PRO A 20 2.11 3.80 -11.27
N TYR A 21 2.73 2.64 -11.47
CA TYR A 21 4.15 2.54 -11.78
C TYR A 21 4.36 2.07 -13.22
N PRO A 22 4.45 3.03 -14.16
CA PRO A 22 4.61 2.64 -15.58
C PRO A 22 5.95 2.00 -15.88
N SER A 23 6.05 1.38 -17.06
CA SER A 23 7.30 0.76 -17.49
C SER A 23 8.10 1.71 -18.36
N GLU A 24 9.34 1.34 -18.66
CA GLU A 24 10.20 2.16 -19.51
C GLU A 24 9.58 2.37 -20.89
N GLU A 25 8.75 1.41 -21.30
CA GLU A 25 8.04 1.53 -22.57
C GLU A 25 6.97 2.61 -22.50
N GLN A 26 6.25 2.66 -21.39
CA GLN A 26 5.17 3.62 -21.20
C GLN A 26 5.71 5.01 -20.84
N LYS A 27 6.84 5.04 -20.14
CA LYS A 27 7.45 6.30 -19.74
C LYS A 27 7.85 7.13 -20.96
N LYS A 28 8.48 6.49 -21.93
CA LYS A 28 8.89 7.18 -23.14
C LYS A 28 7.69 7.48 -24.04
N GLN A 29 6.71 6.57 -24.03
CA GLN A 29 5.52 6.73 -24.84
C GLN A 29 4.70 7.92 -24.33
N LEU A 30 4.75 8.16 -23.03
CA LEU A 30 4.12 9.33 -22.43
C LEU A 30 4.91 10.59 -22.78
N ALA A 31 6.23 10.47 -22.77
CA ALA A 31 7.11 11.59 -23.08
C ALA A 31 6.90 12.06 -24.52
N GLN A 32 6.69 11.10 -25.42
CA GLN A 32 6.44 11.42 -26.82
C GLN A 32 5.04 11.99 -27.02
N ASP A 33 4.10 11.52 -26.22
CA ASP A 33 2.72 12.00 -26.29
C ASP A 33 2.55 13.32 -25.56
N THR A 34 3.62 13.79 -24.92
CA THR A 34 3.60 15.06 -24.20
C THR A 34 4.76 15.97 -24.62
N GLY A 35 5.78 15.39 -25.23
CA GLY A 35 6.94 16.15 -25.66
C GLY A 35 7.92 16.43 -24.54
N LEU A 36 7.55 16.04 -23.33
CA LEU A 36 8.40 16.26 -22.16
C LEU A 36 9.60 15.33 -22.18
N THR A 37 10.49 15.51 -21.21
CA THR A 37 11.68 14.66 -21.07
C THR A 37 11.37 13.50 -20.13
N ILE A 38 12.22 12.47 -20.14
CA ILE A 38 12.02 11.30 -19.30
C ILE A 38 12.05 11.69 -17.83
N LEU A 39 12.99 12.55 -17.46
CA LEU A 39 13.12 12.99 -16.08
C LEU A 39 11.87 13.76 -15.64
N GLN A 40 11.28 14.50 -16.57
CA GLN A 40 10.05 15.24 -16.29
C GLN A 40 8.89 14.27 -16.08
N VAL A 41 8.88 13.18 -16.83
CA VAL A 41 7.83 12.17 -16.71
C VAL A 41 8.02 11.38 -15.42
N ASN A 42 9.27 11.08 -15.08
CA ASN A 42 9.58 10.33 -13.87
C ASN A 42 9.13 11.08 -12.62
N ASN A 43 9.52 12.33 -12.50
CA ASN A 43 9.21 13.13 -11.31
C ASN A 43 7.71 13.40 -11.16
N TRP A 44 7.02 13.56 -12.29
CA TRP A 44 5.60 13.90 -12.26
C TRP A 44 4.78 12.86 -11.52
N PHE A 45 4.97 11.60 -11.86
CA PHE A 45 4.24 10.51 -11.23
C PHE A 45 4.59 10.41 -9.75
N ILE A 46 5.88 10.45 -9.44
CA ILE A 46 6.35 10.34 -8.05
C ILE A 46 5.67 11.38 -7.19
N ASN A 47 5.43 12.57 -7.75
CA ASN A 47 4.71 13.61 -7.03
C ASN A 47 3.21 13.36 -7.05
N ALA A 48 2.71 12.93 -8.21
CA ALA A 48 1.29 12.68 -8.40
C ALA A 48 0.78 11.59 -7.44
N ARG A 49 1.61 10.58 -7.22
CA ARG A 49 1.23 9.46 -6.36
C ARG A 49 0.95 9.94 -4.93
N ARG A 50 1.83 10.78 -4.39
CA ARG A 50 1.70 11.26 -3.03
C ARG A 50 0.81 12.48 -2.91
N ARG A 51 0.26 12.94 -4.03
CA ARG A 51 -0.57 14.14 -4.06
C ARG A 51 -1.93 13.90 -4.70
N ILE A 52 -2.05 12.80 -5.45
CA ILE A 52 -3.32 12.45 -6.10
C ILE A 52 -3.78 11.06 -5.66
N VAL A 53 -2.89 10.09 -5.72
CA VAL A 53 -3.25 8.71 -5.41
C VAL A 53 -3.39 8.50 -3.90
N GLN A 54 -2.32 8.77 -3.16
CA GLN A 54 -2.28 8.50 -1.72
C GLN A 54 -3.39 9.19 -0.93
N PRO A 55 -3.68 10.46 -1.23
CA PRO A 55 -4.77 11.15 -0.52
C PRO A 55 -6.11 10.42 -0.58
N MET A 56 -6.39 9.76 -1.70
CA MET A 56 -7.65 9.03 -1.85
C MET A 56 -7.64 7.76 -1.02
N ILE A 57 -6.45 7.17 -0.86
CA ILE A 57 -6.31 5.97 -0.04
C ILE A 57 -6.65 6.29 1.40
N ASP A 58 -6.20 7.45 1.87
CA ASP A 58 -6.46 7.89 3.24
C ASP A 58 -7.95 7.99 3.52
N GLN A 59 -8.70 8.51 2.55
CA GLN A 59 -10.15 8.58 2.66
C GLN A 59 -10.74 7.18 2.54
N SER A 60 -10.13 6.36 1.69
CA SER A 60 -10.58 4.98 1.46
C SER A 60 -12.02 4.94 1.01
N PRO D 2 -5.79 -0.09 5.65
CA PRO D 2 -7.10 -0.47 5.13
C PRO D 2 -8.20 -0.34 6.17
N LYS D 3 -9.45 -0.59 5.76
CA LYS D 3 -10.60 -0.41 6.64
C LYS D 3 -10.81 -1.62 7.55
N VAL D 4 -11.42 -2.67 7.01
CA VAL D 4 -11.80 -3.83 7.81
C VAL D 4 -10.67 -4.84 7.97
N ALA D 5 -9.48 -4.50 7.47
CA ALA D 5 -8.32 -5.36 7.62
C ALA D 5 -8.04 -5.65 9.09
N THR D 6 -8.30 -4.66 9.92
CA THR D 6 -8.07 -4.78 11.35
C THR D 6 -8.88 -5.93 11.95
N ASN D 7 -10.17 -5.98 11.62
CA ASN D 7 -11.05 -7.03 12.11
C ASN D 7 -10.60 -8.42 11.65
N ILE D 8 -10.02 -8.49 10.45
CA ILE D 8 -9.48 -9.74 9.94
C ILE D 8 -8.31 -10.20 10.82
N MET D 9 -7.41 -9.27 11.11
CA MET D 9 -6.23 -9.57 11.91
C MET D 9 -6.64 -9.94 13.34
N ARG D 10 -7.64 -9.23 13.86
CA ARG D 10 -8.12 -9.49 15.21
C ARG D 10 -8.87 -10.82 15.28
N ALA D 11 -9.57 -11.16 14.21
CA ALA D 11 -10.31 -12.42 14.14
C ALA D 11 -9.36 -13.60 14.32
N TRP D 12 -8.16 -13.46 13.80
CA TRP D 12 -7.14 -14.50 13.93
C TRP D 12 -6.50 -14.46 15.31
N LEU D 13 -6.39 -13.25 15.86
CA LEU D 13 -5.73 -13.05 17.14
C LEU D 13 -6.46 -13.77 18.27
N PHE D 14 -7.69 -13.33 18.54
CA PHE D 14 -8.50 -13.92 19.62
C PHE D 14 -8.78 -15.40 19.38
N GLN D 15 -8.56 -15.84 18.14
CA GLN D 15 -8.73 -17.25 17.79
C GLN D 15 -7.53 -18.09 18.26
N HIS D 16 -6.43 -17.41 18.58
CA HIS D 16 -5.23 -18.08 19.07
C HIS D 16 -4.59 -17.26 20.18
N LEU D 17 -5.25 -17.18 21.34
CA LEU D 17 -4.79 -16.27 22.40
C LEU D 17 -3.89 -16.93 23.44
N THR D 18 -4.07 -18.24 23.65
CA THR D 18 -3.16 -18.98 24.51
C THR D 18 -1.94 -19.40 23.69
N HIS D 19 -1.93 -19.02 22.42
CA HIS D 19 -0.82 -19.32 21.53
C HIS D 19 -0.84 -18.40 20.31
N PRO D 20 -0.58 -17.09 20.54
CA PRO D 20 -0.64 -16.07 19.48
C PRO D 20 0.67 -15.90 18.73
N TYR D 21 0.98 -16.85 17.85
CA TYR D 21 2.19 -16.79 17.04
C TYR D 21 1.97 -17.46 15.68
N PRO D 22 1.58 -16.68 14.67
CA PRO D 22 1.36 -17.27 13.33
C PRO D 22 2.65 -17.77 12.71
N SER D 23 2.55 -18.77 11.84
CA SER D 23 3.71 -19.32 11.15
C SER D 23 4.14 -18.37 10.04
N GLU D 24 4.65 -18.93 8.94
CA GLU D 24 5.03 -18.14 7.78
C GLU D 24 3.93 -18.19 6.73
N GLU D 25 3.31 -19.37 6.58
CA GLU D 25 2.21 -19.54 5.65
C GLU D 25 0.97 -18.82 6.15
N GLN D 26 0.70 -18.95 7.44
CA GLN D 26 -0.41 -18.22 8.06
C GLN D 26 -0.16 -16.73 8.00
N LYS D 27 1.11 -16.35 8.07
CA LYS D 27 1.50 -14.94 8.01
C LYS D 27 1.13 -14.34 6.66
N LYS D 28 1.47 -15.02 5.58
CA LYS D 28 1.15 -14.55 4.25
C LYS D 28 -0.34 -14.73 3.97
N GLN D 29 -0.92 -15.81 4.50
CA GLN D 29 -2.36 -16.06 4.37
C GLN D 29 -3.18 -14.84 4.79
N LEU D 30 -2.57 -13.99 5.62
CA LEU D 30 -3.24 -12.81 6.16
C LEU D 30 -2.91 -11.50 5.43
N ALA D 31 -1.93 -11.50 4.51
CA ALA D 31 -1.42 -10.23 4.00
C ALA D 31 -2.03 -9.75 2.66
N GLN D 32 -1.75 -10.33 1.48
CA GLN D 32 -0.94 -11.50 1.23
C GLN D 32 0.28 -11.20 0.33
N ASP D 33 1.41 -10.91 0.96
CA ASP D 33 2.78 -11.04 0.38
C ASP D 33 3.39 -9.88 -0.44
N THR D 34 3.46 -10.08 -1.75
CA THR D 34 4.58 -9.61 -2.57
C THR D 34 4.83 -8.10 -2.71
N GLY D 35 6.09 -7.73 -2.55
CA GLY D 35 6.56 -6.37 -2.76
C GLY D 35 5.67 -5.37 -2.04
N LEU D 36 5.87 -5.25 -0.73
CA LEU D 36 4.85 -4.75 0.18
C LEU D 36 3.77 -5.84 0.22
N THR D 37 3.54 -6.50 1.36
CA THR D 37 4.01 -6.01 2.66
C THR D 37 3.78 -7.02 3.78
N ILE D 38 4.62 -8.05 3.83
CA ILE D 38 4.55 -9.02 4.92
C ILE D 38 5.09 -8.38 6.20
N LEU D 39 5.91 -7.34 6.03
CA LEU D 39 6.49 -6.60 7.14
C LEU D 39 5.40 -6.07 8.08
N GLN D 40 4.29 -5.64 7.50
CA GLN D 40 3.21 -5.03 8.28
C GLN D 40 2.51 -6.07 9.15
N VAL D 41 2.45 -7.31 8.69
CA VAL D 41 1.85 -8.39 9.47
C VAL D 41 2.61 -8.60 10.76
N ASN D 42 3.94 -8.66 10.66
CA ASN D 42 4.79 -8.88 11.82
C ASN D 42 4.61 -7.82 12.90
N ASN D 43 4.84 -6.56 12.52
CA ASN D 43 4.68 -5.45 13.46
C ASN D 43 3.29 -5.42 14.10
N TRP D 44 2.30 -5.85 13.34
CA TRP D 44 0.91 -5.84 13.82
C TRP D 44 0.75 -6.70 15.07
N PHE D 45 1.10 -7.97 14.95
CA PHE D 45 0.97 -8.91 16.06
C PHE D 45 1.94 -8.56 17.19
N ILE D 46 3.09 -8.00 16.82
CA ILE D 46 4.09 -7.57 17.79
C ILE D 46 3.51 -6.51 18.71
N ASN D 47 2.87 -5.50 18.12
CA ASN D 47 2.22 -4.45 18.89
C ASN D 47 0.95 -4.96 19.56
N ALA D 48 0.20 -5.80 18.85
CA ALA D 48 -1.06 -6.34 19.33
C ALA D 48 -0.87 -7.11 20.63
N ARG D 49 0.27 -7.78 20.75
CA ARG D 49 0.57 -8.55 21.96
C ARG D 49 0.69 -7.64 23.17
N ARG D 50 1.59 -6.67 23.12
CA ARG D 50 1.82 -5.78 24.26
C ARG D 50 0.76 -4.67 24.38
N ARG D 51 -0.40 -4.89 23.76
CA ARG D 51 -1.47 -3.90 23.79
C ARG D 51 -2.85 -4.55 23.91
N ILE D 52 -2.98 -5.80 23.44
CA ILE D 52 -4.23 -6.54 23.55
C ILE D 52 -4.03 -7.79 24.41
N VAL D 53 -2.84 -8.39 24.34
CA VAL D 53 -2.57 -9.63 25.07
C VAL D 53 -1.96 -9.35 26.45
N GLN D 54 -0.76 -8.80 26.47
CA GLN D 54 0.01 -8.68 27.71
C GLN D 54 -0.78 -8.01 28.86
N PRO D 55 -1.62 -7.02 28.53
CA PRO D 55 -2.48 -6.48 29.60
C PRO D 55 -3.53 -7.47 30.09
N MET D 56 -4.05 -8.29 29.18
CA MET D 56 -5.07 -9.28 29.50
C MET D 56 -4.54 -10.32 30.50
N ILE D 57 -3.25 -10.63 30.39
CA ILE D 57 -2.66 -11.70 31.18
C ILE D 57 -2.43 -11.28 32.63
N ASP D 58 -1.74 -10.18 32.84
CA ASP D 58 -1.38 -9.74 34.19
C ASP D 58 -2.60 -9.24 34.96
N GLN D 59 -3.50 -8.56 34.25
CA GLN D 59 -4.66 -7.94 34.88
C GLN D 59 -4.24 -7.04 36.04
N SER D 60 -4.18 -7.63 37.24
CA SER D 60 -3.75 -6.92 38.44
C SER D 60 -4.57 -5.65 38.68
#